data_8P04
#
_entry.id   8P04
#
_cell.length_a   92.134
_cell.length_b   64.026
_cell.length_c   70.571
_cell.angle_alpha   90.00
_cell.angle_beta   118.49
_cell.angle_gamma   90.00
#
_symmetry.space_group_name_H-M   'C 1 2 1'
#
loop_
_entity.id
_entity.type
_entity.pdbx_description
1 polymer 'Dual specificity protein kinase CLK1'
2 non-polymer (4~{Z})-2-(1-adamantylamino)-4-(1,3-benzothiazol-6-ylmethylidene)-1~{H}-imidazol-5-one
3 water water
#
_entity_poly.entity_id   1
_entity_poly.type   'polypeptide(L)'
_entity_poly.pdbx_seq_one_letter_code
;SMHLICQSGDVLSARYEIVDTLGEGAFGKVVECIDHKAGGRHVAVKIVKNVDRYCEAARSEIQVLEHLNTTDPNSTFRCV
QMLEWFEHHGHICIVFELLGLSTYDFIKENGFLPFRLDHIRKMAYQICKSVNFLHSNKLTHTDLKPENILFVQSDYTEAY
NPKIKRDERTLINPDIKVVDFGSATYDDEHHSTLVSTRHYRAPEVILALGWSQPCDVWSIGCILIEYYLGFTVFPTHDSK
EHLAMMERILGPLPKHMIQKTRKRKYFHHDRLDWDEHSSAGRYVSRACKPLKEFMLSQDVEHERLFDLIQKMLEYDPAKR
ITLREALKHPFFDLLKKSI
;
_entity_poly.pdbx_strand_id   A
#
loop_
_chem_comp.id
_chem_comp.type
_chem_comp.name
_chem_comp.formula
WAK non-polymer (4~{Z})-2-(1-adamantylamino)-4-(1,3-benzothiazol-6-ylmethylidene)-1~{H}-imidazol-5-one 'C21 H22 N4 O S'
#
# COMPACT_ATOMS: atom_id res chain seq x y z
N MET A 2 9.69 14.12 -18.95
CA MET A 2 9.71 14.27 -17.51
C MET A 2 10.89 15.10 -17.00
N HIS A 3 12.10 14.57 -17.24
CA HIS A 3 13.34 15.18 -16.75
C HIS A 3 13.42 16.68 -17.03
N LEU A 4 12.86 17.11 -18.17
CA LEU A 4 13.03 18.48 -18.63
C LEU A 4 12.32 19.51 -17.76
N ILE A 5 11.31 19.11 -17.00
CA ILE A 5 10.36 20.06 -16.46
C ILE A 5 10.14 19.89 -14.96
N CYS A 6 11.19 19.47 -14.24
CA CYS A 6 11.04 19.27 -12.80
C CYS A 6 12.38 19.15 -12.08
N GLN A 7 13.33 20.02 -12.39
CA GLN A 7 14.60 20.03 -11.68
C GLN A 7 14.55 21.05 -10.56
N SER A 8 15.51 20.95 -9.65
CA SER A 8 15.62 21.92 -8.56
C SER A 8 15.79 23.32 -9.14
N GLY A 9 15.08 24.29 -8.55
CA GLY A 9 15.09 25.65 -8.98
C GLY A 9 13.94 26.03 -9.90
N ASP A 10 13.35 25.05 -10.58
CA ASP A 10 12.24 25.33 -11.47
C ASP A 10 11.07 25.93 -10.70
N VAL A 11 10.29 26.77 -11.38
CA VAL A 11 9.06 27.33 -10.84
C VAL A 11 7.89 26.79 -11.67
N LEU A 12 6.90 26.25 -10.98
CA LEU A 12 5.70 25.71 -11.61
C LEU A 12 4.54 26.66 -11.40
N SER A 13 3.73 26.85 -12.45
CA SER A 13 2.50 27.64 -12.39
C SER A 13 2.73 29.00 -11.73
N ALA A 14 3.94 29.54 -11.91
CA ALA A 14 4.31 30.88 -11.42
C ALA A 14 4.17 31.03 -9.91
N ARG A 15 4.45 29.98 -9.13
CA ARG A 15 4.46 30.14 -7.67
C ARG A 15 5.11 28.99 -6.91
N TYR A 16 5.23 27.80 -7.51
CA TYR A 16 5.78 26.63 -6.82
C TYR A 16 7.23 26.41 -7.25
N GLU A 17 8.17 26.73 -6.37
CA GLU A 17 9.60 26.54 -6.65
C GLU A 17 10.05 25.19 -6.12
N ILE A 18 10.50 24.31 -7.01
CA ILE A 18 10.98 22.98 -6.63
C ILE A 18 12.27 23.13 -5.83
N VAL A 19 12.37 22.38 -4.73
CA VAL A 19 13.58 22.36 -3.93
C VAL A 19 14.14 20.96 -3.71
N ASP A 20 13.36 19.90 -3.95
CA ASP A 20 13.85 18.55 -3.79
C ASP A 20 12.97 17.60 -4.59
N THR A 21 13.53 16.42 -4.87
CA THR A 21 12.76 15.30 -5.40
C THR A 21 12.54 14.31 -4.27
N LEU A 22 11.27 14.05 -3.95
CA LEU A 22 10.91 13.13 -2.90
C LEU A 22 10.86 11.69 -3.38
N GLY A 23 10.59 11.48 -4.67
CA GLY A 23 10.55 10.13 -5.20
C GLY A 23 10.09 10.07 -6.63
N GLU A 24 10.30 8.92 -7.28
CA GLU A 24 9.96 8.72 -8.67
C GLU A 24 9.12 7.45 -8.80
N GLY A 25 8.10 7.50 -9.65
CA GLY A 25 7.24 6.36 -9.85
C GLY A 25 7.01 6.03 -11.30
N ALA A 26 6.10 5.08 -11.56
CA ALA A 26 5.71 4.80 -12.93
C ALA A 26 4.84 5.93 -13.49
N PHE A 27 4.15 6.66 -12.61
CA PHE A 27 3.40 7.84 -13.01
C PHE A 27 4.29 9.03 -13.32
N GLY A 28 5.50 9.07 -12.78
CA GLY A 28 6.36 10.22 -12.93
C GLY A 28 7.13 10.54 -11.66
N LYS A 29 6.94 11.74 -11.12
CA LYS A 29 7.78 12.27 -10.06
C LYS A 29 6.92 12.98 -9.02
N VAL A 30 7.46 13.10 -7.81
CA VAL A 30 6.89 13.96 -6.77
C VAL A 30 8.01 14.86 -6.25
N VAL A 31 7.76 16.16 -6.23
CA VAL A 31 8.76 17.15 -5.84
C VAL A 31 8.25 17.93 -4.64
N GLU A 32 9.17 18.37 -3.80
CA GLU A 32 8.86 19.27 -2.70
C GLU A 32 9.13 20.71 -3.16
N CYS A 33 8.17 21.59 -2.94
CA CYS A 33 8.24 22.95 -3.45
C CYS A 33 7.97 23.95 -2.35
N ILE A 34 8.54 25.14 -2.50
CA ILE A 34 8.16 26.31 -1.71
C ILE A 34 7.01 26.99 -2.43
N ASP A 35 5.96 27.33 -1.69
CA ASP A 35 4.79 28.00 -2.24
C ASP A 35 4.93 29.50 -1.95
N HIS A 36 5.41 30.25 -2.95
CA HIS A 36 5.76 31.65 -2.74
C HIS A 36 4.53 32.52 -2.52
N LYS A 37 3.37 32.14 -3.09
CA LYS A 37 2.12 32.86 -2.86
C LYS A 37 1.35 32.35 -1.65
N ALA A 38 2.03 31.77 -0.66
CA ALA A 38 1.39 31.32 0.56
C ALA A 38 2.38 31.29 1.72
N GLY A 39 3.11 32.38 1.91
CA GLY A 39 4.04 32.54 3.01
C GLY A 39 5.35 31.81 2.89
N GLY A 40 5.54 30.99 1.85
CA GLY A 40 6.70 30.12 1.78
C GLY A 40 6.48 28.75 2.34
N ARG A 41 5.25 28.39 2.69
CA ARG A 41 4.95 27.05 3.14
C ARG A 41 5.32 26.04 2.08
N HIS A 42 5.91 24.92 2.50
CA HIS A 42 6.27 23.89 1.55
C HIS A 42 5.07 23.01 1.23
N VAL A 43 5.10 22.43 0.02
CA VAL A 43 4.08 21.51 -0.44
C VAL A 43 4.76 20.41 -1.24
N ALA A 44 3.99 19.37 -1.55
CA ALA A 44 4.40 18.31 -2.44
C ALA A 44 3.59 18.39 -3.72
N VAL A 45 4.26 18.24 -4.86
CA VAL A 45 3.63 18.38 -6.18
C VAL A 45 3.88 17.10 -6.97
N LYS A 46 2.80 16.44 -7.36
CA LYS A 46 2.86 15.19 -8.13
C LYS A 46 2.93 15.54 -9.61
N ILE A 47 4.01 15.15 -10.26
CA ILE A 47 4.21 15.43 -11.68
C ILE A 47 3.94 14.14 -12.45
N VAL A 48 2.88 14.15 -13.25
CA VAL A 48 2.41 12.97 -13.96
C VAL A 48 2.91 13.01 -15.39
N LYS A 49 3.43 11.89 -15.86
CA LYS A 49 3.87 11.75 -17.26
C LYS A 49 2.76 12.20 -18.21
N ASN A 50 3.17 12.75 -19.35
CA ASN A 50 2.20 13.09 -20.40
C ASN A 50 2.00 11.85 -21.27
N VAL A 51 1.24 10.91 -20.73
CA VAL A 51 0.85 9.68 -21.43
C VAL A 51 -0.65 9.50 -21.19
N ASP A 52 -1.36 9.00 -22.20
CA ASP A 52 -2.83 8.91 -22.11
C ASP A 52 -3.25 8.08 -20.90
N ARG A 53 -2.54 6.99 -20.62
CA ARG A 53 -2.88 6.15 -19.48
C ARG A 53 -2.78 6.93 -18.17
N TYR A 54 -1.68 7.66 -17.98
CA TYR A 54 -1.44 8.33 -16.70
C TYR A 54 -2.18 9.65 -16.57
N CYS A 55 -2.57 10.27 -17.68
CA CYS A 55 -3.39 11.48 -17.59
C CYS A 55 -4.84 11.17 -17.28
N GLU A 56 -5.35 10.03 -17.79
CA GLU A 56 -6.70 9.61 -17.42
C GLU A 56 -6.76 9.18 -15.96
N ALA A 57 -5.69 8.56 -15.46
CA ALA A 57 -5.62 8.23 -14.04
C ALA A 57 -5.55 9.49 -13.19
N ALA A 58 -4.71 10.45 -13.60
CA ALA A 58 -4.58 11.70 -12.87
C ALA A 58 -5.92 12.43 -12.81
N ARG A 59 -6.65 12.45 -13.93
CA ARG A 59 -7.96 13.09 -13.93
C ARG A 59 -8.94 12.38 -13.01
N SER A 60 -8.90 11.04 -13.01
CA SER A 60 -9.71 10.27 -12.09
C SER A 60 -9.28 10.52 -10.64
N GLU A 61 -7.97 10.57 -10.41
CA GLU A 61 -7.46 10.80 -9.06
C GLU A 61 -7.94 12.15 -8.51
N ILE A 62 -7.97 13.18 -9.35
CA ILE A 62 -8.45 14.48 -8.91
C ILE A 62 -9.94 14.41 -8.56
N GLN A 63 -10.70 13.62 -9.31
CA GLN A 63 -12.12 13.46 -9.00
C GLN A 63 -12.31 12.78 -7.64
N VAL A 64 -11.52 11.75 -7.35
CA VAL A 64 -11.63 11.05 -6.08
C VAL A 64 -11.19 11.95 -4.93
N LEU A 65 -10.01 12.58 -5.06
CA LEU A 65 -9.50 13.43 -3.99
C LEU A 65 -10.44 14.59 -3.71
N GLU A 66 -11.01 15.18 -4.77
CA GLU A 66 -11.97 16.27 -4.57
C GLU A 66 -13.17 15.79 -3.75
N HIS A 67 -13.61 14.54 -3.96
CA HIS A 67 -14.73 14.01 -3.21
C HIS A 67 -14.34 13.64 -1.78
N LEU A 68 -13.21 12.94 -1.62
CA LEU A 68 -12.77 12.55 -0.28
C LEU A 68 -12.46 13.76 0.59
N ASN A 69 -11.78 14.76 0.01
CA ASN A 69 -11.44 15.95 0.79
C ASN A 69 -12.69 16.71 1.23
N THR A 70 -13.74 16.69 0.41
CA THR A 70 -14.97 17.37 0.79
C THR A 70 -15.77 16.57 1.81
N THR A 71 -15.83 15.24 1.64
CA THR A 71 -16.53 14.41 2.62
C THR A 71 -15.84 14.43 3.97
N ASP A 72 -14.53 14.66 3.99
CA ASP A 72 -13.73 14.59 5.21
C ASP A 72 -12.79 15.78 5.25
N PRO A 73 -13.30 16.98 5.57
CA PRO A 73 -12.44 18.18 5.52
C PRO A 73 -11.23 18.13 6.45
N ASN A 74 -11.38 17.56 7.64
CA ASN A 74 -10.31 17.54 8.62
C ASN A 74 -9.30 16.41 8.38
N SER A 75 -9.57 15.51 7.42
CA SER A 75 -8.74 14.33 7.16
C SER A 75 -8.73 13.39 8.37
N THR A 76 -9.87 13.29 9.06
CA THR A 76 -10.01 12.33 10.16
C THR A 76 -9.64 10.93 9.72
N PHE A 77 -9.97 10.56 8.48
CA PHE A 77 -9.69 9.24 7.94
C PHE A 77 -8.44 9.22 7.06
N ARG A 78 -7.59 10.24 7.20
CA ARG A 78 -6.17 10.17 6.87
C ARG A 78 -5.90 9.90 5.40
N CYS A 79 -6.75 10.42 4.51
CA CYS A 79 -6.40 10.51 3.10
C CYS A 79 -5.70 11.83 2.85
N VAL A 80 -4.58 11.80 2.11
CA VAL A 80 -3.82 13.01 1.86
C VAL A 80 -4.73 14.05 1.20
N GLN A 81 -4.50 15.32 1.54
CA GLN A 81 -5.35 16.41 1.10
C GLN A 81 -4.71 17.13 -0.08
N MET A 82 -5.47 17.28 -1.16
CA MET A 82 -5.04 17.99 -2.35
C MET A 82 -5.42 19.47 -2.22
N LEU A 83 -4.46 20.35 -2.49
CA LEU A 83 -4.70 21.77 -2.36
C LEU A 83 -5.19 22.38 -3.66
N GLU A 84 -4.64 21.92 -4.78
CA GLU A 84 -5.04 22.37 -6.11
C GLU A 84 -4.34 21.48 -7.12
N TRP A 85 -4.65 21.69 -8.40
CA TRP A 85 -3.94 21.06 -9.49
C TRP A 85 -3.79 22.06 -10.62
N PHE A 86 -2.91 21.77 -11.55
CA PHE A 86 -2.71 22.62 -12.71
C PHE A 86 -2.03 21.81 -13.82
N GLU A 87 -1.82 22.45 -14.95
CA GLU A 87 -1.09 21.88 -16.08
C GLU A 87 0.20 22.65 -16.27
N HIS A 88 1.27 21.93 -16.60
CA HIS A 88 2.61 22.52 -16.71
C HIS A 88 3.31 21.85 -17.88
N HIS A 89 3.41 22.57 -19.00
CA HIS A 89 4.03 22.05 -20.23
C HIS A 89 3.36 20.75 -20.68
N GLY A 90 2.04 20.66 -20.49
CA GLY A 90 1.31 19.48 -20.86
C GLY A 90 1.32 18.36 -19.84
N HIS A 91 1.79 18.61 -18.62
CA HIS A 91 1.78 17.63 -17.55
C HIS A 91 0.78 18.05 -16.47
N ILE A 92 -0.05 17.10 -16.05
CA ILE A 92 -0.95 17.33 -14.92
C ILE A 92 -0.12 17.29 -13.64
N CYS A 93 -0.21 18.37 -12.86
CA CYS A 93 0.47 18.46 -11.57
C CYS A 93 -0.57 18.64 -10.49
N ILE A 94 -0.52 17.77 -9.47
CA ILE A 94 -1.42 17.84 -8.32
C ILE A 94 -0.61 18.32 -7.13
N VAL A 95 -1.12 19.33 -6.44
CA VAL A 95 -0.46 19.92 -5.28
C VAL A 95 -1.08 19.32 -4.01
N PHE A 96 -0.23 18.88 -3.09
CA PHE A 96 -0.66 18.23 -1.87
C PHE A 96 -0.07 18.93 -0.66
N GLU A 97 -0.62 18.59 0.51
CA GLU A 97 0.05 18.92 1.76
C GLU A 97 1.34 18.10 1.87
N LEU A 98 2.36 18.71 2.44
CA LEU A 98 3.68 18.08 2.53
C LEU A 98 3.69 17.08 3.68
N LEU A 99 3.93 15.82 3.37
CA LEU A 99 4.06 14.78 4.37
C LEU A 99 5.53 14.42 4.55
N GLY A 100 5.79 13.37 5.33
CA GLY A 100 7.12 12.85 5.52
C GLY A 100 7.37 11.62 4.69
N LEU A 101 8.34 10.83 5.14
CA LEU A 101 8.73 9.63 4.42
C LEU A 101 7.57 8.66 4.27
N SER A 102 7.55 7.94 3.16
CA SER A 102 6.72 6.75 3.08
C SER A 102 7.24 5.71 4.05
N THR A 103 6.35 4.81 4.48
CA THR A 103 6.80 3.75 5.37
C THR A 103 7.85 2.87 4.72
N TYR A 104 7.89 2.82 3.39
CA TYR A 104 8.90 1.99 2.73
C TYR A 104 10.27 2.65 2.76
N ASP A 105 10.34 3.96 2.46
CA ASP A 105 11.62 4.67 2.56
C ASP A 105 12.19 4.56 3.97
N PHE A 106 11.32 4.66 4.98
CA PHE A 106 11.77 4.69 6.37
C PHE A 106 12.42 3.37 6.77
N ILE A 107 11.74 2.25 6.53
CA ILE A 107 12.33 0.94 6.79
C ILE A 107 13.60 0.76 5.97
N LYS A 108 13.52 1.06 4.67
CA LYS A 108 14.67 0.88 3.78
C LYS A 108 15.90 1.61 4.30
N GLU A 109 15.75 2.89 4.63
CA GLU A 109 16.88 3.71 5.04
C GLU A 109 17.27 3.52 6.50
N ASN A 110 16.56 2.67 7.24
CA ASN A 110 17.00 2.21 8.56
C ASN A 110 17.60 0.81 8.50
N GLY A 111 18.08 0.39 7.34
CA GLY A 111 18.67 -0.93 7.22
C GLY A 111 17.67 -2.06 7.23
N PHE A 112 16.41 -1.77 6.94
CA PHE A 112 15.32 -2.74 6.93
C PHE A 112 15.09 -3.36 8.32
N LEU A 113 15.23 -2.53 9.35
CA LEU A 113 14.74 -2.89 10.68
C LEU A 113 13.21 -2.95 10.66
N PRO A 114 12.60 -3.86 11.41
CA PRO A 114 11.14 -3.82 11.55
C PRO A 114 10.71 -2.71 12.49
N PHE A 115 9.42 -2.37 12.42
CA PHE A 115 8.85 -1.39 13.33
C PHE A 115 8.57 -2.02 14.69
N ARG A 116 8.57 -1.18 15.72
CA ARG A 116 8.17 -1.64 17.05
C ARG A 116 6.70 -2.06 17.02
N LEU A 117 6.35 -3.03 17.87
CA LEU A 117 5.00 -3.58 17.84
C LEU A 117 3.97 -2.52 18.20
N ASP A 118 4.27 -1.64 19.15
CA ASP A 118 3.33 -0.59 19.51
C ASP A 118 3.12 0.40 18.35
N HIS A 119 4.16 0.64 17.56
CA HIS A 119 3.98 1.45 16.35
C HIS A 119 3.13 0.71 15.32
N ILE A 120 3.41 -0.58 15.12
CA ILE A 120 2.65 -1.38 14.17
C ILE A 120 1.16 -1.34 14.52
N ARG A 121 0.85 -1.48 15.81
CA ARG A 121 -0.54 -1.47 16.26
C ARG A 121 -1.24 -0.18 15.88
N LYS A 122 -0.58 0.96 16.11
CA LYS A 122 -1.19 2.25 15.78
C LYS A 122 -1.24 2.47 14.28
N MET A 123 -0.16 2.15 13.58
CA MET A 123 -0.13 2.30 12.12
C MET A 123 -1.21 1.45 11.45
N ALA A 124 -1.38 0.21 11.93
CA ALA A 124 -2.38 -0.67 11.35
C ALA A 124 -3.79 -0.15 11.59
N TYR A 125 -4.04 0.40 12.78
CA TYR A 125 -5.36 0.97 13.07
C TYR A 125 -5.68 2.11 12.11
N GLN A 126 -4.69 2.93 11.80
CA GLN A 126 -4.93 4.10 10.95
C GLN A 126 -5.10 3.68 9.49
N ILE A 127 -4.29 2.74 9.02
CA ILE A 127 -4.45 2.21 7.67
C ILE A 127 -5.83 1.58 7.52
N CYS A 128 -6.27 0.81 8.51
CA CYS A 128 -7.57 0.17 8.44
C CYS A 128 -8.70 1.18 8.51
N LYS A 129 -8.59 2.17 9.41
CA LYS A 129 -9.62 3.20 9.52
C LYS A 129 -9.71 4.03 8.24
N SER A 130 -8.58 4.26 7.58
CA SER A 130 -8.58 5.04 6.36
C SER A 130 -9.19 4.25 5.20
N VAL A 131 -8.70 3.03 4.96
CA VAL A 131 -9.14 2.26 3.81
C VAL A 131 -10.59 1.81 4.00
N ASN A 132 -11.04 1.67 5.25
CA ASN A 132 -12.47 1.46 5.49
C ASN A 132 -13.28 2.65 5.00
N PHE A 133 -12.77 3.87 5.22
CA PHE A 133 -13.45 5.07 4.76
C PHE A 133 -13.58 5.08 3.24
N LEU A 134 -12.53 4.65 2.53
CA LEU A 134 -12.63 4.47 1.08
C LEU A 134 -13.72 3.47 0.73
N HIS A 135 -13.71 2.32 1.40
CA HIS A 135 -14.69 1.27 1.12
C HIS A 135 -16.12 1.75 1.36
N SER A 136 -16.31 2.63 2.36
CA SER A 136 -17.64 3.17 2.62
C SER A 136 -18.07 4.19 1.56
N ASN A 137 -17.15 4.61 0.70
CA ASN A 137 -17.47 5.51 -0.41
C ASN A 137 -17.35 4.78 -1.75
N LYS A 138 -17.66 3.49 -1.76
CA LYS A 138 -17.76 2.69 -2.98
C LYS A 138 -16.42 2.56 -3.71
N LEU A 139 -15.30 2.68 -2.99
CA LEU A 139 -13.99 2.73 -3.61
C LEU A 139 -13.13 1.52 -3.23
N THR A 140 -12.22 1.16 -4.14
CA THR A 140 -11.17 0.19 -3.89
C THR A 140 -9.86 0.84 -4.29
N HIS A 141 -8.88 0.84 -3.38
CA HIS A 141 -7.60 1.46 -3.65
C HIS A 141 -6.82 0.69 -4.72
N THR A 142 -6.76 -0.63 -4.57
CA THR A 142 -6.11 -1.57 -5.49
C THR A 142 -4.59 -1.45 -5.54
N ASP A 143 -4.00 -0.41 -4.95
CA ASP A 143 -2.55 -0.26 -4.97
C ASP A 143 -2.01 0.02 -3.57
N LEU A 144 -2.49 -0.74 -2.60
CA LEU A 144 -2.01 -0.59 -1.23
C LEU A 144 -0.64 -1.25 -1.08
N LYS A 145 0.31 -0.50 -0.52
CA LYS A 145 1.67 -0.96 -0.31
C LYS A 145 2.38 0.00 0.65
N PRO A 146 3.57 -0.33 1.16
CA PRO A 146 4.27 0.61 2.05
C PRO A 146 4.63 1.92 1.37
N GLU A 147 4.94 1.91 0.07
CA GLU A 147 5.28 3.14 -0.63
C GLU A 147 4.14 4.15 -0.56
N ASN A 148 2.91 3.69 -0.40
CA ASN A 148 1.72 4.54 -0.43
C ASN A 148 1.19 4.88 0.96
N ILE A 149 1.86 4.43 2.02
CA ILE A 149 1.57 4.84 3.39
C ILE A 149 2.68 5.80 3.83
N LEU A 150 2.32 6.98 4.30
CA LEU A 150 3.27 8.05 4.54
C LEU A 150 3.09 8.65 5.93
N PHE A 151 4.21 8.84 6.63
CA PHE A 151 4.22 9.55 7.90
C PHE A 151 4.02 11.05 7.67
N VAL A 152 3.82 11.80 8.76
CA VAL A 152 3.53 13.22 8.66
C VAL A 152 4.69 14.05 9.22
N GLN A 153 5.92 13.58 9.02
CA GLN A 153 7.13 14.36 9.26
C GLN A 153 7.38 14.70 10.73
N SER A 154 6.35 15.12 11.46
CA SER A 154 6.49 15.39 12.89
C SER A 154 6.53 14.12 13.72
N ASP A 155 6.36 12.96 13.08
CA ASP A 155 6.26 11.68 13.76
C ASP A 155 7.61 11.05 14.09
N TYR A 156 8.71 11.68 13.69
CA TYR A 156 10.00 11.01 13.83
C TYR A 156 11.11 12.04 13.82
N THR A 157 12.29 11.59 14.23
CA THR A 157 13.51 12.38 14.16
C THR A 157 14.38 11.86 13.02
N GLU A 158 15.45 12.59 12.75
CA GLU A 158 16.39 12.20 11.69
C GLU A 158 17.79 12.62 12.12
N ALA A 159 18.76 11.77 11.80
CA ALA A 159 20.16 12.06 12.12
C ALA A 159 21.09 11.38 11.12
N GLU A 168 19.89 6.92 10.46
CA GLU A 168 19.29 6.89 11.79
C GLU A 168 18.03 7.74 11.86
N ARG A 169 16.89 7.10 11.68
CA ARG A 169 15.58 7.70 11.95
C ARG A 169 14.91 6.91 13.07
N THR A 170 14.50 7.63 14.11
CA THR A 170 13.73 7.05 15.20
C THR A 170 12.31 7.57 15.11
N LEU A 171 11.36 6.67 14.88
CA LEU A 171 9.97 7.05 14.77
C LEU A 171 9.40 7.32 16.16
N ILE A 172 8.70 8.45 16.31
CA ILE A 172 8.18 8.84 17.62
C ILE A 172 6.70 8.44 17.71
N ASN A 173 5.82 9.22 17.09
CA ASN A 173 4.38 8.98 17.17
C ASN A 173 3.80 8.90 15.76
N PRO A 174 3.41 7.70 15.29
CA PRO A 174 3.31 7.43 13.85
C PRO A 174 1.92 7.66 13.24
N ASP A 175 1.50 8.92 13.18
CA ASP A 175 0.30 9.26 12.45
C ASP A 175 0.56 9.12 10.95
N ILE A 176 -0.22 8.30 10.26
CA ILE A 176 0.08 8.02 8.87
C ILE A 176 -1.05 8.53 7.99
N LYS A 177 -0.72 8.74 6.71
CA LYS A 177 -1.70 9.09 5.69
C LYS A 177 -1.57 8.15 4.50
N VAL A 178 -2.63 8.09 3.70
CA VAL A 178 -2.70 7.20 2.54
C VAL A 178 -2.76 8.05 1.28
N VAL A 179 -2.01 7.64 0.26
CA VAL A 179 -1.83 8.42 -0.95
C VAL A 179 -2.03 7.54 -2.18
N ASP A 180 -2.05 8.20 -3.34
CA ASP A 180 -2.18 7.61 -4.67
C ASP A 180 -3.53 6.96 -4.91
N PHE A 181 -4.44 7.71 -5.54
CA PHE A 181 -5.77 7.23 -5.87
C PHE A 181 -5.98 7.14 -7.38
N GLY A 182 -4.90 7.16 -8.15
CA GLY A 182 -4.96 7.00 -9.60
C GLY A 182 -5.27 5.59 -10.07
N SER A 183 -5.19 4.61 -9.17
CA SER A 183 -5.64 3.25 -9.46
C SER A 183 -6.98 2.93 -8.81
N ALA A 184 -7.58 3.91 -8.14
CA ALA A 184 -8.81 3.66 -7.37
C ALA A 184 -9.99 3.45 -8.31
N THR A 185 -10.91 2.59 -7.89
CA THR A 185 -12.04 2.18 -8.72
C THR A 185 -13.32 2.24 -7.91
N TYR A 186 -14.36 2.85 -8.47
CA TYR A 186 -15.68 2.75 -7.89
C TYR A 186 -16.27 1.37 -8.17
N ASP A 187 -17.44 1.09 -7.59
CA ASP A 187 -18.07 -0.21 -7.77
C ASP A 187 -18.82 -0.33 -9.08
N ASP A 188 -19.03 0.78 -9.80
CA ASP A 188 -19.66 0.71 -11.11
C ASP A 188 -18.89 -0.23 -12.04
N GLU A 189 -17.58 -0.02 -12.14
CA GLU A 189 -16.66 -0.93 -12.83
C GLU A 189 -15.25 -0.37 -12.71
N SER A 196 -1.28 -1.04 -10.05
CA SER A 196 -2.48 -1.51 -9.38
C SER A 196 -2.26 -2.90 -8.75
N THR A 197 -0.98 -3.31 -8.68
CA THR A 197 -0.56 -4.54 -8.02
C THR A 197 0.93 -4.78 -8.20
N ARG A 198 1.52 -5.62 -7.35
CA ARG A 198 2.89 -6.08 -7.52
C ARG A 198 3.04 -7.47 -6.90
N HIS A 199 3.60 -7.53 -5.69
CA HIS A 199 3.63 -8.78 -4.93
C HIS A 199 2.65 -8.75 -3.76
N TYR A 200 1.91 -7.66 -3.59
CA TYR A 200 0.79 -7.58 -2.67
C TYR A 200 -0.52 -8.02 -3.33
N ARG A 201 -0.44 -8.60 -4.52
CA ARG A 201 -1.64 -8.95 -5.28
C ARG A 201 -2.36 -10.12 -4.62
N ALA A 202 -3.68 -9.99 -4.48
CA ALA A 202 -4.52 -10.97 -3.83
C ALA A 202 -4.72 -12.19 -4.72
N PRO A 203 -5.07 -13.35 -4.13
CA PRO A 203 -5.21 -14.57 -4.95
C PRO A 203 -6.27 -14.48 -6.01
N GLU A 204 -7.44 -13.91 -5.71
CA GLU A 204 -8.49 -13.78 -6.72
C GLU A 204 -8.07 -12.90 -7.87
N VAL A 205 -7.09 -12.01 -7.66
CA VAL A 205 -6.57 -11.18 -8.74
C VAL A 205 -5.63 -11.98 -9.63
N ILE A 206 -4.69 -12.71 -9.01
CA ILE A 206 -3.77 -13.55 -9.76
C ILE A 206 -4.54 -14.58 -10.58
N LEU A 207 -5.61 -15.13 -10.03
CA LEU A 207 -6.38 -16.18 -10.67
C LEU A 207 -7.44 -15.64 -11.62
N ALA A 208 -7.62 -14.32 -11.68
CA ALA A 208 -8.64 -13.68 -12.51
C ALA A 208 -10.02 -14.26 -12.21
N LEU A 209 -10.40 -14.19 -10.94
CA LEU A 209 -11.74 -14.56 -10.49
C LEU A 209 -12.62 -13.35 -10.26
N GLY A 210 -12.14 -12.17 -10.62
CA GLY A 210 -12.76 -10.94 -10.20
C GLY A 210 -12.29 -10.54 -8.82
N TRP A 211 -12.49 -9.26 -8.50
CA TRP A 211 -11.99 -8.73 -7.24
C TRP A 211 -12.73 -7.43 -6.95
N SER A 212 -12.69 -7.05 -5.67
CA SER A 212 -13.20 -5.76 -5.24
C SER A 212 -12.44 -5.32 -3.99
N GLN A 213 -13.11 -4.58 -3.10
CA GLN A 213 -12.49 -4.09 -1.88
C GLN A 213 -11.76 -5.16 -1.08
N PRO A 214 -12.23 -6.42 -0.99
CA PRO A 214 -11.47 -7.44 -0.24
C PRO A 214 -10.00 -7.57 -0.65
N CYS A 215 -9.63 -7.24 -1.90
CA CYS A 215 -8.23 -7.34 -2.27
C CYS A 215 -7.38 -6.30 -1.56
N ASP A 216 -7.99 -5.18 -1.14
CA ASP A 216 -7.29 -4.23 -0.29
C ASP A 216 -6.95 -4.85 1.06
N VAL A 217 -7.92 -5.53 1.68
CA VAL A 217 -7.69 -6.18 2.97
C VAL A 217 -6.51 -7.13 2.89
N TRP A 218 -6.41 -7.87 1.77
CA TRP A 218 -5.29 -8.77 1.59
C TRP A 218 -3.97 -8.01 1.53
N SER A 219 -3.97 -6.85 0.86
CA SER A 219 -2.74 -6.07 0.73
C SER A 219 -2.33 -5.40 2.04
N ILE A 220 -3.30 -4.97 2.86
CA ILE A 220 -2.97 -4.49 4.19
C ILE A 220 -2.30 -5.60 5.00
N GLY A 221 -2.80 -6.83 4.85
CA GLY A 221 -2.18 -7.96 5.53
C GLY A 221 -0.75 -8.21 5.10
N CYS A 222 -0.44 -7.97 3.83
CA CYS A 222 0.94 -8.09 3.36
C CYS A 222 1.79 -6.92 3.83
N ILE A 223 1.18 -5.76 4.05
CA ILE A 223 1.90 -4.61 4.56
C ILE A 223 2.30 -4.84 6.02
N LEU A 224 1.36 -5.38 6.81
CA LEU A 224 1.60 -5.57 8.24
C LEU A 224 2.76 -6.53 8.50
N ILE A 225 2.75 -7.68 7.81
CA ILE A 225 3.81 -8.67 8.00
C ILE A 225 5.16 -8.08 7.62
N GLU A 226 5.18 -7.16 6.65
CA GLU A 226 6.43 -6.52 6.27
C GLU A 226 6.91 -5.53 7.32
N TYR A 227 5.97 -4.79 7.90
CA TYR A 227 6.30 -3.93 9.04
C TYR A 227 6.96 -4.71 10.15
N TYR A 228 6.51 -5.95 10.36
CA TYR A 228 6.91 -6.77 11.49
C TYR A 228 8.20 -7.53 11.23
N LEU A 229 8.49 -7.82 9.96
CA LEU A 229 9.72 -8.51 9.59
C LEU A 229 10.79 -7.59 9.03
N GLY A 230 10.39 -6.50 8.38
CA GLY A 230 11.33 -5.64 7.68
C GLY A 230 11.61 -6.06 6.26
N PHE A 231 11.23 -7.26 5.86
CA PHE A 231 11.37 -7.72 4.49
C PHE A 231 10.06 -8.36 4.03
N THR A 232 9.89 -8.44 2.71
CA THR A 232 8.66 -8.97 2.14
C THR A 232 8.66 -10.49 2.17
N VAL A 233 7.49 -11.06 2.45
CA VAL A 233 7.36 -12.51 2.60
C VAL A 233 6.98 -13.20 1.30
N PHE A 234 6.70 -12.44 0.24
CA PHE A 234 6.50 -12.96 -1.11
C PHE A 234 7.55 -12.35 -2.03
N PRO A 235 8.84 -12.67 -1.83
CA PRO A 235 9.90 -12.03 -2.63
C PRO A 235 10.04 -12.71 -4.01
N THR A 236 8.99 -12.61 -4.81
CA THR A 236 8.94 -13.25 -6.12
C THR A 236 8.53 -12.24 -7.17
N HIS A 237 8.98 -12.48 -8.40
CA HIS A 237 8.59 -11.69 -9.55
C HIS A 237 7.87 -12.55 -10.58
N ASP A 238 7.37 -13.71 -10.16
CA ASP A 238 6.72 -14.69 -11.03
C ASP A 238 5.43 -15.13 -10.36
N SER A 239 4.37 -15.27 -11.17
CA SER A 239 3.03 -15.45 -10.63
C SER A 239 2.76 -16.86 -10.11
N LYS A 240 3.37 -17.89 -10.72
CA LYS A 240 3.18 -19.24 -10.20
C LYS A 240 4.04 -19.51 -8.99
N GLU A 241 5.21 -18.88 -8.93
CA GLU A 241 6.04 -18.94 -7.73
C GLU A 241 5.35 -18.25 -6.56
N HIS A 242 4.73 -17.10 -6.82
CA HIS A 242 3.91 -16.42 -5.82
C HIS A 242 2.84 -17.35 -5.26
N LEU A 243 2.24 -18.16 -6.13
CA LEU A 243 1.19 -19.09 -5.68
C LEU A 243 1.78 -20.21 -4.85
N ALA A 244 2.96 -20.72 -5.24
CA ALA A 244 3.61 -21.75 -4.44
C ALA A 244 4.05 -21.21 -3.09
N MET A 245 4.50 -19.95 -3.05
CA MET A 245 4.84 -19.31 -1.79
C MET A 245 3.63 -19.26 -0.87
N MET A 246 2.50 -18.78 -1.40
CA MET A 246 1.25 -18.75 -0.63
C MET A 246 0.97 -20.10 0.01
N GLU A 247 1.18 -21.19 -0.74
CA GLU A 247 0.90 -22.52 -0.19
C GLU A 247 1.88 -22.89 0.90
N ARG A 248 3.15 -22.49 0.77
CA ARG A 248 4.14 -22.76 1.81
C ARG A 248 3.83 -21.97 3.07
N ILE A 249 3.50 -20.69 2.92
CA ILE A 249 3.26 -19.83 4.08
C ILE A 249 1.87 -20.04 4.65
N LEU A 250 0.85 -20.13 3.79
CA LEU A 250 -0.54 -20.07 4.23
C LEU A 250 -1.28 -21.39 4.10
N GLY A 251 -0.75 -22.35 3.35
CA GLY A 251 -1.42 -23.61 3.13
C GLY A 251 -2.00 -23.71 1.72
N PRO A 252 -2.56 -24.87 1.38
CA PRO A 252 -3.00 -25.10 0.00
C PRO A 252 -4.23 -24.28 -0.35
N LEU A 253 -4.23 -23.73 -1.56
CA LEU A 253 -5.32 -22.88 -2.03
C LEU A 253 -6.62 -23.68 -2.09
N PRO A 254 -7.77 -23.02 -1.91
CA PRO A 254 -9.04 -23.74 -1.89
C PRO A 254 -9.31 -24.42 -3.22
N LYS A 255 -9.78 -25.67 -3.14
CA LYS A 255 -10.07 -26.44 -4.35
C LYS A 255 -11.06 -25.70 -5.24
N HIS A 256 -12.00 -24.97 -4.64
CA HIS A 256 -13.04 -24.31 -5.43
C HIS A 256 -12.46 -23.16 -6.25
N MET A 257 -11.49 -22.42 -5.70
CA MET A 257 -10.86 -21.34 -6.45
C MET A 257 -9.94 -21.88 -7.53
N ILE A 258 -9.21 -22.95 -7.22
CA ILE A 258 -8.33 -23.58 -8.21
C ILE A 258 -9.14 -24.08 -9.39
N GLN A 259 -10.32 -24.64 -9.13
CA GLN A 259 -11.16 -25.26 -10.15
C GLN A 259 -11.97 -24.25 -10.93
N LYS A 260 -11.90 -22.97 -10.58
CA LYS A 260 -12.75 -21.94 -11.18
C LYS A 260 -11.97 -20.97 -12.07
N THR A 261 -10.67 -20.84 -11.88
CA THR A 261 -9.88 -19.88 -12.63
C THR A 261 -9.76 -20.29 -14.10
N ARG A 262 -9.87 -19.30 -14.99
CA ARG A 262 -9.50 -19.53 -16.38
C ARG A 262 -8.00 -19.82 -16.50
N LYS A 263 -7.23 -19.33 -15.54
CA LYS A 263 -5.78 -19.54 -15.50
C LYS A 263 -5.43 -20.95 -15.08
N ARG A 264 -6.04 -21.96 -15.69
CA ARG A 264 -5.71 -23.34 -15.34
C ARG A 264 -4.31 -23.74 -15.80
N LYS A 265 -3.50 -22.79 -16.27
CA LYS A 265 -2.12 -23.06 -16.65
C LYS A 265 -1.24 -23.39 -15.45
N TYR A 266 -1.68 -23.02 -14.24
CA TYR A 266 -0.85 -23.18 -13.04
C TYR A 266 -1.08 -24.50 -12.31
N PHE A 267 -2.06 -25.31 -12.73
CA PHE A 267 -2.50 -26.43 -11.93
C PHE A 267 -2.60 -27.71 -12.75
N HIS A 268 -2.56 -28.84 -12.04
CA HIS A 268 -2.80 -30.16 -12.60
C HIS A 268 -3.85 -30.84 -11.72
N HIS A 269 -5.06 -31.01 -12.26
CA HIS A 269 -6.25 -31.46 -11.50
C HIS A 269 -6.54 -30.41 -10.45
N ASP A 270 -6.60 -30.76 -9.17
CA ASP A 270 -6.88 -29.85 -8.07
C ASP A 270 -5.62 -29.31 -7.41
N ARG A 271 -4.47 -29.92 -7.66
CA ARG A 271 -3.22 -29.49 -7.05
C ARG A 271 -2.49 -28.52 -7.97
N LEU A 272 -1.55 -27.79 -7.39
CA LEU A 272 -0.76 -26.82 -8.15
C LEU A 272 0.36 -27.52 -8.88
N ASP A 273 0.56 -27.15 -10.14
CA ASP A 273 1.57 -27.79 -10.99
C ASP A 273 2.92 -27.16 -10.66
N TRP A 274 3.73 -27.90 -9.92
CA TRP A 274 4.93 -27.36 -9.29
C TRP A 274 5.82 -28.50 -8.81
N ASP A 275 7.07 -28.55 -9.29
CA ASP A 275 8.04 -29.56 -8.87
C ASP A 275 8.92 -28.93 -7.80
N GLU A 276 8.58 -29.17 -6.53
CA GLU A 276 9.22 -28.46 -5.43
C GLU A 276 10.71 -28.77 -5.30
N HIS A 277 11.22 -29.74 -6.06
CA HIS A 277 12.64 -30.04 -6.06
C HIS A 277 13.36 -29.44 -7.25
N SER A 278 12.66 -28.64 -8.06
CA SER A 278 13.34 -27.75 -8.98
C SER A 278 14.13 -26.71 -8.19
N SER A 279 15.01 -25.99 -8.90
CA SER A 279 15.80 -24.95 -8.23
C SER A 279 14.93 -23.86 -7.63
N ALA A 280 13.81 -23.52 -8.30
CA ALA A 280 12.91 -22.52 -7.77
C ALA A 280 11.97 -23.10 -6.72
N GLY A 281 11.62 -24.38 -6.86
CA GLY A 281 10.87 -25.05 -5.80
C GLY A 281 11.64 -25.13 -4.49
N ARG A 282 12.97 -25.30 -4.58
CA ARG A 282 13.82 -25.22 -3.39
C ARG A 282 13.91 -23.80 -2.85
N TYR A 283 13.66 -22.80 -3.69
CA TYR A 283 13.74 -21.40 -3.25
C TYR A 283 12.54 -21.04 -2.38
N VAL A 284 11.35 -21.56 -2.71
CA VAL A 284 10.15 -21.30 -1.91
C VAL A 284 10.24 -21.98 -0.54
N SER A 285 11.06 -23.02 -0.41
CA SER A 285 11.27 -23.63 0.89
C SER A 285 12.27 -22.83 1.73
N ARG A 286 13.36 -22.38 1.12
CA ARG A 286 14.30 -21.51 1.82
C ARG A 286 13.66 -20.17 2.19
N ALA A 287 12.99 -19.54 1.22
CA ALA A 287 12.48 -18.19 1.39
C ALA A 287 11.24 -18.13 2.28
N CYS A 288 10.53 -19.23 2.48
CA CYS A 288 9.22 -19.19 3.11
C CYS A 288 9.03 -20.34 4.07
N LYS A 289 8.07 -20.16 4.98
CA LYS A 289 7.69 -21.16 5.97
C LYS A 289 6.35 -20.74 6.55
N PRO A 290 5.61 -21.66 7.19
CA PRO A 290 4.24 -21.32 7.63
C PRO A 290 4.20 -20.06 8.49
N LEU A 291 3.06 -19.36 8.41
CA LEU A 291 2.98 -17.98 8.88
C LEU A 291 3.34 -17.87 10.36
N LYS A 292 2.78 -18.74 11.19
CA LYS A 292 2.97 -18.64 12.63
C LYS A 292 4.44 -18.70 13.01
N GLU A 293 5.25 -19.46 12.27
CA GLU A 293 6.65 -19.62 12.63
C GLU A 293 7.46 -18.34 12.37
N PHE A 294 6.92 -17.40 11.59
CA PHE A 294 7.57 -16.10 11.38
C PHE A 294 7.54 -15.23 12.63
N MET A 295 6.83 -15.63 13.68
CA MET A 295 6.72 -14.83 14.88
C MET A 295 8.06 -14.79 15.61
N LEU A 296 8.33 -13.65 16.26
CA LEU A 296 9.59 -13.45 16.97
C LEU A 296 9.47 -13.62 18.47
N SER A 297 8.31 -13.32 19.04
CA SER A 297 8.00 -13.68 20.42
C SER A 297 6.83 -14.66 20.43
N GLN A 298 6.48 -15.11 21.63
CA GLN A 298 5.22 -15.81 21.85
C GLN A 298 4.29 -15.00 22.75
N ASP A 299 4.66 -13.74 23.01
CA ASP A 299 3.84 -12.83 23.78
C ASP A 299 2.45 -12.71 23.17
N VAL A 300 1.46 -12.41 24.02
CA VAL A 300 0.06 -12.42 23.57
C VAL A 300 -0.19 -11.36 22.51
N GLU A 301 0.50 -10.20 22.61
CA GLU A 301 0.30 -9.16 21.61
C GLU A 301 0.85 -9.57 20.25
N HIS A 302 1.90 -10.39 20.23
CA HIS A 302 2.37 -10.96 18.97
C HIS A 302 1.39 -12.00 18.45
N GLU A 303 0.79 -12.79 19.34
CA GLU A 303 -0.23 -13.74 18.92
C GLU A 303 -1.46 -13.03 18.37
N ARG A 304 -1.80 -11.86 18.92
CA ARG A 304 -2.97 -11.13 18.45
C ARG A 304 -2.74 -10.55 17.06
N LEU A 305 -1.56 -9.97 16.84
CA LEU A 305 -1.25 -9.40 15.52
C LEU A 305 -1.35 -10.47 14.43
N PHE A 306 -0.68 -11.60 14.63
CA PHE A 306 -0.65 -12.63 13.59
C PHE A 306 -2.01 -13.26 13.37
N ASP A 307 -2.87 -13.27 14.39
CA ASP A 307 -4.25 -13.72 14.19
C ASP A 307 -4.98 -12.78 13.24
N LEU A 308 -4.86 -11.48 13.48
CA LEU A 308 -5.44 -10.50 12.57
C LEU A 308 -4.90 -10.65 11.16
N ILE A 309 -3.58 -10.85 11.03
CA ILE A 309 -2.96 -11.03 9.72
C ILE A 309 -3.49 -12.29 9.05
N GLN A 310 -3.61 -13.38 9.82
CA GLN A 310 -4.14 -14.62 9.27
C GLN A 310 -5.55 -14.43 8.73
N LYS A 311 -6.35 -13.58 9.38
CA LYS A 311 -7.69 -13.29 8.87
C LYS A 311 -7.63 -12.42 7.62
N MET A 312 -6.63 -11.53 7.54
CA MET A 312 -6.50 -10.67 6.37
C MET A 312 -5.95 -11.43 5.17
N LEU A 313 -5.14 -12.46 5.42
CA LEU A 313 -4.59 -13.31 4.36
C LEU A 313 -5.46 -14.54 4.11
N GLU A 314 -6.77 -14.43 4.26
CA GLU A 314 -7.68 -15.52 3.94
C GLU A 314 -7.84 -15.62 2.43
N TYR A 315 -7.76 -16.85 1.91
CA TYR A 315 -7.81 -17.06 0.46
C TYR A 315 -9.11 -16.56 -0.15
N ASP A 316 -10.24 -17.05 0.37
CA ASP A 316 -11.56 -16.75 -0.19
C ASP A 316 -11.93 -15.31 0.18
N PRO A 317 -12.23 -14.46 -0.79
CA PRO A 317 -12.55 -13.05 -0.46
C PRO A 317 -13.84 -12.86 0.32
N ALA A 318 -14.72 -13.87 0.36
CA ALA A 318 -15.94 -13.74 1.16
C ALA A 318 -15.67 -14.07 2.63
N LYS A 319 -14.86 -15.09 2.90
CA LYS A 319 -14.48 -15.41 4.27
C LYS A 319 -13.61 -14.31 4.85
N ARG A 320 -12.78 -13.69 4.02
CA ARG A 320 -11.79 -12.72 4.48
C ARG A 320 -12.44 -11.61 5.29
N ILE A 321 -11.86 -11.35 6.47
CA ILE A 321 -12.35 -10.32 7.37
C ILE A 321 -12.47 -9.00 6.62
N THR A 322 -13.56 -8.27 6.88
CA THR A 322 -13.63 -6.91 6.36
C THR A 322 -12.88 -5.99 7.32
N LEU A 323 -12.79 -4.71 6.96
CA LEU A 323 -12.02 -3.79 7.78
C LEU A 323 -12.84 -3.25 8.94
N ARG A 324 -14.17 -3.21 8.81
CA ARG A 324 -15.02 -2.88 9.96
C ARG A 324 -14.84 -3.89 11.08
N GLU A 325 -14.73 -5.17 10.73
CA GLU A 325 -14.47 -6.20 11.74
C GLU A 325 -13.02 -6.14 12.21
N ALA A 326 -12.09 -5.84 11.31
CA ALA A 326 -10.69 -5.74 11.70
C ALA A 326 -10.45 -4.64 12.71
N LEU A 327 -11.24 -3.57 12.65
CA LEU A 327 -11.16 -2.52 13.67
C LEU A 327 -11.63 -3.01 15.03
N LYS A 328 -12.38 -4.12 15.07
CA LYS A 328 -12.90 -4.68 16.31
C LYS A 328 -12.00 -5.74 16.91
N HIS A 329 -10.83 -6.01 16.30
CA HIS A 329 -9.94 -7.10 16.68
C HIS A 329 -9.23 -6.76 17.99
N PRO A 330 -9.00 -7.75 18.86
CA PRO A 330 -8.38 -7.47 20.17
C PRO A 330 -7.01 -6.81 20.05
N PHE A 331 -6.30 -7.01 18.94
CA PHE A 331 -5.00 -6.37 18.76
C PHE A 331 -5.05 -4.87 19.00
N PHE A 332 -6.21 -4.26 18.79
CA PHE A 332 -6.38 -2.82 18.94
C PHE A 332 -6.95 -2.41 20.28
N ASP A 333 -7.22 -3.37 21.18
CA ASP A 333 -7.77 -3.02 22.49
C ASP A 333 -6.81 -2.14 23.28
N LEU A 334 -5.49 -2.35 23.09
CA LEU A 334 -4.50 -1.55 23.81
C LEU A 334 -4.62 -0.07 23.48
N LEU A 335 -5.12 0.24 22.27
CA LEU A 335 -5.44 1.64 21.94
C LEU A 335 -6.79 2.04 22.52
N LYS A 336 -7.71 1.09 22.67
CA LYS A 336 -9.05 1.38 23.15
C LYS A 336 -9.08 1.65 24.65
O WAK B . -0.28 10.24 -4.91
C WAK B . 0.88 9.97 -4.58
C12 WAK B . 1.83 10.68 -3.70
C13 WAK B . 1.51 11.83 -3.07
C14 WAK B . 2.25 12.58 -2.05
C20 WAK B . 3.58 12.27 -1.77
C19 WAK B . 4.26 12.98 -0.79
S WAK B . 5.89 12.78 -0.23
C18 WAK B . 5.62 14.07 0.89
N3 WAK B . 4.45 14.62 0.90
C17 WAK B . 3.64 14.00 -0.06
C16 WAK B . 2.31 14.32 -0.35
C15 WAK B . 1.63 13.61 -1.33
N2 WAK B . 3.02 9.97 -3.64
C1 WAK B . 2.83 8.90 -4.42
N WAK B . 1.60 8.86 -4.98
N1 WAK B . 3.76 7.95 -4.62
C2 WAK B . 5.13 7.89 -4.07
C11 WAK B . 5.82 6.61 -4.55
C6 WAK B . 7.25 6.55 -3.99
C5 WAK B . 8.04 7.77 -4.49
C10 WAK B . 5.10 7.91 -2.54
C8 WAK B . 6.53 7.86 -1.99
C7 WAK B . 7.21 6.57 -2.47
C9 WAK B . 7.31 9.06 -2.48
C4 WAK B . 7.36 9.05 -4.01
C3 WAK B . 5.92 9.11 -4.57
#